data_6KS0
#
_entry.id   6KS0
#
_cell.length_a   92.663
_cell.length_b   194.443
_cell.length_c   74.384
_cell.angle_alpha   90.000
_cell.angle_beta   90.000
_cell.angle_gamma   90.000
#
_symmetry.space_group_name_H-M   'C 2 2 21'
#
loop_
_entity.id
_entity.type
_entity.pdbx_description
1 polymer 'Adiponectin receptor protein 1'
2 polymer 'The heavy chain variable domain (Antibody)'
3 polymer 'The light chain variable domain (Antibody)'
4 non-polymer 'PHOSPHATE ION'
5 non-polymer 'ZINC ION'
6 water water
#
loop_
_entity_poly.entity_id
_entity_poly.type
_entity_poly.pdbx_seq_one_letter_code
_entity_poly.pdbx_strand_id
1 'polypeptide(L)'
;MDYKDDDDKENLYFQGGSEGRWRVIPYDVLPDWLKDNDYLLHGHRPPMPSFRACFKSIFRIHTETGNIWTHLLGFVLFLF
LGILTMLRPNMYFMAPLQEKVVFGMFFLGAVLCLSFSWLFHTVYCHSEKVSRTFSKLDYSGIALLIMGSFVPWLYYSFYC
SPQPRLIYLSIVCVLGISAIIVAQWDRFATPKHRQTRAGVFLGLGLSGVVPTMHFTIAEGFVKATTVGQMGWFFLMAVMY
ITGAGLYAARIPERFFPGKFDIWFQSHQIFHVLVVAAAFVHFYGVSNLQEFRYGLEGGCTDDTLL
;
A
2 'polypeptide(L)'
;EVLLQQSGPELVKPGASVRITCKASGYTFTDFNMDWVKQSPGKSLEWIGDFNPNSGGSIYNQKFKDKATFTVDKSSSTAY
MELRSLTFEDTAVYYCARETGTAWFAYWGQGTLVTVSAA
;
H
3 'polypeptide(L)'
;DIQMTQSPASLSASVGETVTITCRASGNIHNFLAWYQQKQGKSPQVLVYNAKTLADGVPSRFSGSGSGTQYSLKINSLQP
EDFGSYYCQQFWSTPYTFGGGTKLEIN
;
L
#
# COMPACT_ATOMS: atom_id res chain seq x y z
N SER A 18 -11.52 12.53 -14.43
CA SER A 18 -11.13 13.42 -13.33
C SER A 18 -11.55 12.85 -11.99
N GLU A 19 -11.61 11.53 -11.90
CA GLU A 19 -11.99 10.83 -10.68
C GLU A 19 -10.80 10.08 -10.10
N GLY A 20 -10.83 9.89 -8.79
CA GLY A 20 -9.73 9.23 -8.11
C GLY A 20 -8.48 10.07 -8.00
N ARG A 21 -8.62 11.39 -7.98
CA ARG A 21 -7.46 12.26 -7.87
C ARG A 21 -6.78 12.11 -6.53
N TRP A 22 -5.45 12.26 -6.53
CA TRP A 22 -4.67 12.13 -5.31
C TRP A 22 -3.30 12.74 -5.52
N ARG A 23 -2.73 13.27 -4.44
CA ARG A 23 -1.37 13.76 -4.41
C ARG A 23 -0.55 12.94 -3.43
N VAL A 24 0.78 13.06 -3.53
CA VAL A 24 1.66 12.40 -2.59
C VAL A 24 1.69 13.17 -1.27
N ILE A 25 2.12 12.49 -0.22
CA ILE A 25 2.12 13.06 1.13
C ILE A 25 3.43 12.72 1.83
N PRO A 26 3.80 13.47 2.85
CA PRO A 26 5.00 13.13 3.63
C PRO A 26 4.75 11.93 4.52
N TYR A 27 5.83 11.50 5.17
CA TYR A 27 5.74 10.32 6.04
C TYR A 27 4.99 10.61 7.32
N ASP A 28 4.93 11.88 7.73
CA ASP A 28 4.39 12.20 9.05
C ASP A 28 2.89 11.96 9.12
N VAL A 29 2.17 12.16 8.02
CA VAL A 29 0.72 12.15 8.08
C VAL A 29 0.19 10.78 7.65
N LEU A 30 1.11 9.83 7.50
CA LEU A 30 0.72 8.49 7.10
C LEU A 30 0.03 7.79 8.27
N PRO A 31 -0.90 6.88 7.98
CA PRO A 31 -1.44 6.01 9.03
C PRO A 31 -0.40 5.00 9.47
N ASP A 32 -0.68 4.38 10.62
CA ASP A 32 0.29 3.45 11.22
C ASP A 32 0.61 2.30 10.28
N TRP A 33 -0.41 1.70 9.68
CA TRP A 33 -0.22 0.54 8.80
C TRP A 33 0.51 0.88 7.51
N LEU A 34 0.82 2.14 7.25
CA LEU A 34 1.64 2.54 6.12
C LEU A 34 3.01 3.07 6.52
N LYS A 35 3.28 3.23 7.81
CA LYS A 35 4.58 3.69 8.29
C LYS A 35 5.47 2.47 8.53
N ASP A 36 6.05 1.98 7.44
CA ASP A 36 6.91 0.79 7.49
C ASP A 36 8.36 1.10 7.13
N ASN A 37 8.72 2.38 7.02
CA ASN A 37 10.10 2.78 6.74
C ASN A 37 10.25 4.25 7.11
N ASP A 38 11.16 4.53 8.03
CA ASP A 38 11.35 5.88 8.57
C ASP A 38 12.27 6.75 7.73
N TYR A 39 13.04 6.18 6.81
CA TYR A 39 13.98 6.95 6.01
C TYR A 39 13.41 7.43 4.68
N LEU A 40 12.14 7.16 4.42
CA LEU A 40 11.45 7.66 3.22
C LEU A 40 10.56 8.80 3.65
N LEU A 41 11.03 10.04 3.46
CA LEU A 41 10.35 11.21 4.01
C LEU A 41 9.10 11.56 3.23
N HIS A 42 9.24 11.89 1.95
CA HIS A 42 8.14 12.39 1.13
C HIS A 42 7.87 11.44 -0.02
N GLY A 43 6.74 11.66 -0.69
CA GLY A 43 6.40 10.91 -1.88
C GLY A 43 5.50 9.71 -1.67
N HIS A 44 4.88 9.57 -0.51
CA HIS A 44 4.06 8.40 -0.23
C HIS A 44 2.67 8.54 -0.83
N ARG A 45 2.12 7.43 -1.28
CA ARG A 45 0.73 7.41 -1.71
C ARG A 45 -0.18 7.53 -0.49
N PRO A 46 -1.30 8.24 -0.60
CA PRO A 46 -2.26 8.28 0.50
C PRO A 46 -3.15 7.05 0.48
N PRO A 47 -3.76 6.70 1.60
CA PRO A 47 -4.68 5.54 1.62
C PRO A 47 -5.88 5.78 0.70
N MET A 48 -6.08 4.87 -0.24
CA MET A 48 -7.15 4.99 -1.23
C MET A 48 -7.88 3.66 -1.31
N PRO A 49 -9.12 3.57 -0.81
CA PRO A 49 -9.77 2.25 -0.76
C PRO A 49 -10.39 1.85 -2.08
N SER A 50 -9.65 1.99 -3.18
CA SER A 50 -10.14 1.61 -4.50
C SER A 50 -9.06 0.85 -5.25
N PHE A 51 -9.42 -0.34 -5.76
CA PHE A 51 -8.45 -1.09 -6.56
C PHE A 51 -8.17 -0.41 -7.88
N ARG A 52 -9.16 0.30 -8.44
CA ARG A 52 -8.94 1.03 -9.68
C ARG A 52 -7.85 2.08 -9.52
N ALA A 53 -7.92 2.87 -8.44
CA ALA A 53 -6.90 3.89 -8.20
C ALA A 53 -5.54 3.26 -7.90
N CYS A 54 -5.53 2.14 -7.18
CA CYS A 54 -4.27 1.47 -6.87
C CYS A 54 -3.58 0.98 -8.15
N PHE A 55 -4.33 0.31 -9.03
CA PHE A 55 -3.75 -0.18 -10.28
C PHE A 55 -3.37 0.97 -11.19
N LYS A 56 -4.16 2.05 -11.19
CA LYS A 56 -3.80 3.21 -12.02
C LYS A 56 -2.52 3.86 -11.53
N SER A 57 -2.23 3.79 -10.23
CA SER A 57 -1.02 4.41 -9.68
C SER A 57 0.25 3.75 -10.15
N ILE A 58 0.17 2.57 -10.80
CA ILE A 58 1.35 1.93 -11.35
C ILE A 58 2.06 2.87 -12.32
N PHE A 59 1.28 3.60 -13.12
CA PHE A 59 1.82 4.53 -14.10
C PHE A 59 2.06 5.92 -13.52
N ARG A 60 2.25 6.03 -12.21
CA ARG A 60 2.57 7.30 -11.56
C ARG A 60 3.74 7.10 -10.62
N ILE A 61 4.44 8.21 -10.35
CA ILE A 61 5.69 8.19 -9.59
C ILE A 61 5.38 8.37 -8.11
N HIS A 62 5.86 7.45 -7.29
CA HIS A 62 5.75 7.52 -5.84
C HIS A 62 6.78 6.57 -5.24
N THR A 63 6.70 6.37 -3.92
CA THR A 63 7.71 5.57 -3.23
C THR A 63 7.69 4.11 -3.64
N GLU A 64 6.60 3.63 -4.22
CA GLU A 64 6.45 2.21 -4.55
C GLU A 64 6.46 1.94 -6.04
N THR A 65 6.76 2.95 -6.87
CA THR A 65 6.74 2.75 -8.31
C THR A 65 7.81 1.75 -8.74
N GLY A 66 9.05 1.97 -8.32
CA GLY A 66 10.12 1.06 -8.70
C GLY A 66 9.93 -0.35 -8.17
N ASN A 67 9.46 -0.46 -6.93
CA ASN A 67 9.22 -1.77 -6.35
C ASN A 67 8.13 -2.53 -7.09
N ILE A 68 7.22 -1.80 -7.75
CA ILE A 68 6.19 -2.44 -8.57
C ILE A 68 6.76 -2.87 -9.91
N TRP A 69 7.44 -1.95 -10.60
CA TRP A 69 7.88 -2.22 -11.96
C TRP A 69 9.00 -3.26 -12.01
N THR A 70 9.85 -3.31 -10.98
CA THR A 70 10.94 -4.27 -11.00
C THR A 70 10.43 -5.71 -11.08
N HIS A 71 9.53 -6.08 -10.16
CA HIS A 71 9.01 -7.44 -10.17
C HIS A 71 7.89 -7.63 -11.18
N LEU A 72 7.31 -6.55 -11.69
CA LEU A 72 6.41 -6.68 -12.84
C LEU A 72 7.18 -7.13 -14.08
N LEU A 73 8.32 -6.49 -14.34
CA LEU A 73 9.18 -6.93 -15.45
C LEU A 73 9.77 -8.30 -15.18
N GLY A 74 10.17 -8.55 -13.93
CA GLY A 74 10.72 -9.85 -13.61
C GLY A 74 9.72 -10.98 -13.76
N PHE A 75 8.46 -10.73 -13.40
CA PHE A 75 7.41 -11.73 -13.59
C PHE A 75 7.20 -12.02 -15.07
N VAL A 76 7.16 -10.98 -15.90
CA VAL A 76 7.04 -11.17 -17.35
C VAL A 76 8.24 -11.94 -17.88
N LEU A 77 9.44 -11.61 -17.39
CA LEU A 77 10.65 -12.28 -17.85
C LEU A 77 10.60 -13.78 -17.54
N PHE A 78 10.30 -14.12 -16.28
CA PHE A 78 10.32 -15.52 -15.88
C PHE A 78 9.12 -16.29 -16.38
N LEU A 79 7.99 -15.61 -16.62
CA LEU A 79 6.88 -16.25 -17.32
C LEU A 79 7.27 -16.59 -18.75
N PHE A 80 7.98 -15.66 -19.41
CA PHE A 80 8.48 -15.92 -20.76
C PHE A 80 9.42 -17.11 -20.77
N LEU A 81 10.40 -17.11 -19.86
CA LEU A 81 11.34 -18.22 -19.78
C LEU A 81 10.64 -19.52 -19.42
N GLY A 82 9.65 -19.45 -18.54
CA GLY A 82 8.97 -20.66 -18.10
C GLY A 82 8.24 -21.36 -19.22
N ILE A 83 7.36 -20.64 -19.91
CA ILE A 83 6.58 -21.26 -20.98
C ILE A 83 7.49 -21.63 -22.16
N LEU A 84 8.51 -20.82 -22.42
CA LEU A 84 9.43 -21.12 -23.51
C LEU A 84 10.23 -22.38 -23.22
N THR A 85 10.63 -22.58 -21.95
CA THR A 85 11.34 -23.80 -21.58
C THR A 85 10.39 -24.99 -21.54
N MET A 86 9.12 -24.78 -21.18
CA MET A 86 8.13 -25.85 -21.25
C MET A 86 7.82 -26.25 -22.68
N LEU A 87 8.21 -25.44 -23.67
CA LEU A 87 8.01 -25.75 -25.07
C LEU A 87 9.22 -26.40 -25.73
N ARG A 88 10.34 -26.50 -25.02
CA ARG A 88 11.51 -27.15 -25.58
C ARG A 88 11.16 -28.60 -25.90
N PRO A 89 11.41 -29.06 -27.13
CA PRO A 89 10.95 -30.40 -27.53
C PRO A 89 11.50 -31.49 -26.62
N ASN A 90 10.72 -32.57 -26.51
CA ASN A 90 11.07 -33.68 -25.63
C ASN A 90 12.37 -34.37 -26.02
N MET A 91 12.94 -34.04 -27.18
CA MET A 91 14.20 -34.65 -27.60
C MET A 91 15.35 -34.23 -26.70
N TYR A 92 15.45 -32.92 -26.43
CA TYR A 92 16.61 -32.38 -25.72
C TYR A 92 16.70 -32.84 -24.27
N PHE A 93 15.64 -33.42 -23.72
CA PHE A 93 15.64 -33.93 -22.36
C PHE A 93 15.65 -35.46 -22.37
N MET A 94 16.42 -36.05 -21.46
CA MET A 94 16.47 -37.50 -21.34
C MET A 94 15.14 -38.04 -20.83
N ALA A 95 14.78 -37.70 -19.60
CA ALA A 95 13.47 -38.03 -19.07
C ALA A 95 12.58 -36.79 -19.13
N PRO A 96 11.82 -36.62 -20.21
CA PRO A 96 11.16 -35.32 -20.42
C PRO A 96 10.09 -35.00 -19.40
N LEU A 97 9.25 -35.98 -19.04
CA LEU A 97 8.15 -35.71 -18.12
C LEU A 97 8.65 -35.30 -16.75
N GLN A 98 9.53 -36.11 -16.15
CA GLN A 98 10.02 -35.80 -14.82
C GLN A 98 10.81 -34.50 -14.79
N GLU A 99 11.69 -34.30 -15.77
CA GLU A 99 12.53 -33.11 -15.77
C GLU A 99 11.73 -31.84 -16.06
N LYS A 100 10.66 -31.94 -16.85
CA LYS A 100 9.87 -30.75 -17.14
C LYS A 100 8.98 -30.34 -15.97
N VAL A 101 8.39 -31.31 -15.26
CA VAL A 101 7.64 -30.95 -14.06
C VAL A 101 8.60 -30.49 -12.96
N VAL A 102 9.83 -31.00 -12.97
CA VAL A 102 10.83 -30.56 -12.00
C VAL A 102 11.22 -29.11 -12.27
N PHE A 103 11.28 -28.72 -13.55
CA PHE A 103 11.49 -27.32 -13.89
C PHE A 103 10.22 -26.49 -13.74
N GLY A 104 9.05 -27.10 -13.94
CA GLY A 104 7.81 -26.38 -13.74
C GLY A 104 7.63 -25.91 -12.32
N MET A 105 8.12 -26.68 -11.35
CA MET A 105 8.06 -26.26 -9.95
C MET A 105 8.81 -24.96 -9.75
N PHE A 106 10.02 -24.86 -10.31
CA PHE A 106 10.83 -23.66 -10.14
C PHE A 106 10.18 -22.46 -10.82
N PHE A 107 9.82 -22.60 -12.09
CA PHE A 107 9.25 -21.46 -12.82
C PHE A 107 7.91 -21.04 -12.24
N LEU A 108 7.11 -21.99 -11.74
CA LEU A 108 5.85 -21.64 -11.10
C LEU A 108 6.10 -20.82 -9.84
N GLY A 109 6.96 -21.34 -8.94
CA GLY A 109 7.26 -20.64 -7.71
C GLY A 109 7.83 -19.25 -7.94
N ALA A 110 8.64 -19.10 -8.99
CA ALA A 110 9.18 -17.78 -9.31
C ALA A 110 8.09 -16.86 -9.83
N VAL A 111 7.21 -17.38 -10.68
CA VAL A 111 6.12 -16.57 -11.21
C VAL A 111 5.16 -16.14 -10.10
N LEU A 112 4.78 -17.08 -9.24
CA LEU A 112 3.88 -16.76 -8.15
C LEU A 112 4.52 -15.76 -7.18
N CYS A 113 5.82 -15.93 -6.91
CA CYS A 113 6.52 -15.03 -6.00
C CYS A 113 6.52 -13.60 -6.53
N LEU A 114 6.89 -13.43 -7.80
CA LEU A 114 6.97 -12.09 -8.38
C LEU A 114 5.59 -11.48 -8.56
N SER A 115 4.59 -12.30 -8.89
CA SER A 115 3.23 -11.79 -9.05
C SER A 115 2.67 -11.31 -7.72
N PHE A 116 2.82 -12.12 -6.67
CA PHE A 116 2.39 -11.69 -5.35
C PHE A 116 3.12 -10.42 -4.91
N SER A 117 4.39 -10.29 -5.31
CA SER A 117 5.19 -9.15 -4.87
C SER A 117 4.67 -7.84 -5.47
N TRP A 118 4.51 -7.80 -6.78
CA TRP A 118 4.06 -6.56 -7.40
C TRP A 118 2.58 -6.30 -7.14
N LEU A 119 1.79 -7.35 -6.91
CA LEU A 119 0.40 -7.14 -6.52
C LEU A 119 0.31 -6.50 -5.14
N PHE A 120 1.10 -6.98 -4.19
CA PHE A 120 1.10 -6.39 -2.85
C PHE A 120 1.56 -4.95 -2.88
N HIS A 121 2.62 -4.66 -3.63
CA HIS A 121 3.15 -3.30 -3.70
C HIS A 121 2.18 -2.34 -4.40
N THR A 122 1.29 -2.87 -5.25
CA THR A 122 0.29 -2.00 -5.89
C THR A 122 -0.87 -1.69 -4.96
N VAL A 123 -1.37 -2.69 -4.24
CA VAL A 123 -2.54 -2.53 -3.39
C VAL A 123 -2.11 -2.20 -1.97
N TYR A 124 -0.84 -1.81 -1.80
CA TYR A 124 -0.31 -1.56 -0.48
C TYR A 124 -1.02 -0.40 0.21
N CYS A 125 -1.51 0.57 -0.56
CA CYS A 125 -2.13 1.76 -0.03
C CYS A 125 -3.65 1.66 0.06
N HIS A 126 -4.23 0.54 -0.37
CA HIS A 126 -5.68 0.39 -0.42
C HIS A 126 -6.32 0.58 0.95
N SER A 127 -6.15 -0.41 1.83
CA SER A 127 -6.67 -0.34 3.19
C SER A 127 -5.83 -1.26 4.06
N GLU A 128 -6.09 -1.21 5.36
CA GLU A 128 -5.27 -1.97 6.31
C GLU A 128 -5.43 -3.47 6.10
N LYS A 129 -6.66 -3.93 5.86
CA LYS A 129 -6.89 -5.37 5.71
C LYS A 129 -6.36 -5.88 4.37
N VAL A 130 -6.56 -5.11 3.30
CA VAL A 130 -6.08 -5.53 1.98
C VAL A 130 -4.55 -5.60 1.99
N SER A 131 -3.90 -4.57 2.54
CA SER A 131 -2.45 -4.61 2.67
C SER A 131 -2.01 -5.77 3.56
N ARG A 132 -2.82 -6.11 4.57
CA ARG A 132 -2.48 -7.21 5.46
C ARG A 132 -2.49 -8.53 4.70
N THR A 133 -3.55 -8.79 3.93
CA THR A 133 -3.67 -10.07 3.23
C THR A 133 -2.61 -10.22 2.14
N PHE A 134 -2.36 -9.15 1.38
CA PHE A 134 -1.35 -9.21 0.33
C PHE A 134 0.07 -9.23 0.86
N SER A 135 0.29 -8.71 2.07
CA SER A 135 1.60 -8.89 2.72
C SER A 135 1.83 -10.36 3.03
N LYS A 136 0.81 -11.05 3.54
CA LYS A 136 0.93 -12.49 3.80
C LYS A 136 1.18 -13.26 2.52
N LEU A 137 0.50 -12.86 1.43
CA LEU A 137 0.74 -13.51 0.13
C LEU A 137 2.18 -13.27 -0.33
N ASP A 138 2.73 -12.10 -0.02
CA ASP A 138 4.10 -11.79 -0.43
C ASP A 138 5.10 -12.70 0.27
N TYR A 139 4.93 -12.90 1.58
CA TYR A 139 5.81 -13.81 2.30
C TYR A 139 5.65 -15.24 1.80
N SER A 140 4.42 -15.66 1.54
CA SER A 140 4.19 -17.01 1.01
C SER A 140 4.83 -17.17 -0.36
N GLY A 141 4.84 -16.10 -1.16
CA GLY A 141 5.51 -16.17 -2.45
C GLY A 141 7.01 -16.36 -2.32
N ILE A 142 7.62 -15.70 -1.34
CA ILE A 142 9.05 -15.89 -1.10
C ILE A 142 9.36 -17.33 -0.75
N ALA A 143 8.54 -17.93 0.11
CA ALA A 143 8.74 -19.34 0.46
C ALA A 143 8.55 -20.24 -0.75
N LEU A 144 7.56 -19.93 -1.60
CA LEU A 144 7.33 -20.71 -2.81
C LEU A 144 8.52 -20.64 -3.75
N LEU A 145 9.14 -19.45 -3.86
CA LEU A 145 10.31 -19.31 -4.71
C LEU A 145 11.47 -20.16 -4.20
N ILE A 146 11.64 -20.24 -2.88
CA ILE A 146 12.73 -21.03 -2.31
C ILE A 146 12.49 -22.51 -2.58
N MET A 147 11.26 -22.99 -2.35
CA MET A 147 10.94 -24.37 -2.66
C MET A 147 11.13 -24.66 -4.14
N GLY A 148 10.67 -23.75 -5.00
CA GLY A 148 10.85 -23.94 -6.43
C GLY A 148 12.30 -23.99 -6.84
N SER A 149 13.13 -23.15 -6.21
CA SER A 149 14.56 -23.15 -6.55
C SER A 149 15.25 -24.44 -6.13
N PHE A 150 14.75 -25.09 -5.07
CA PHE A 150 15.40 -26.29 -4.56
C PHE A 150 14.91 -27.57 -5.22
N VAL A 151 13.88 -27.52 -6.05
CA VAL A 151 13.37 -28.72 -6.71
C VAL A 151 14.35 -29.17 -7.81
N PRO A 152 14.67 -28.34 -8.81
CA PRO A 152 15.54 -28.84 -9.88
C PRO A 152 16.98 -28.97 -9.47
N TRP A 153 17.45 -28.14 -8.53
CA TRP A 153 18.82 -28.30 -8.05
C TRP A 153 19.00 -29.64 -7.35
N LEU A 154 18.01 -30.05 -6.54
CA LEU A 154 18.08 -31.35 -5.90
C LEU A 154 17.96 -32.49 -6.92
N TYR A 155 17.18 -32.28 -7.98
CA TYR A 155 17.01 -33.33 -8.98
C TYR A 155 18.30 -33.55 -9.76
N TYR A 156 18.95 -32.48 -10.21
CA TYR A 156 20.14 -32.57 -11.04
C TYR A 156 21.43 -32.64 -10.22
N SER A 157 21.34 -32.62 -8.88
CA SER A 157 22.51 -32.86 -8.05
C SER A 157 22.53 -34.27 -7.46
N PHE A 158 21.37 -34.91 -7.34
CA PHE A 158 21.26 -36.27 -6.83
C PHE A 158 20.47 -37.13 -7.82
N TYR A 159 20.73 -36.91 -9.11
CA TYR A 159 20.02 -37.63 -10.17
C TYR A 159 20.38 -39.11 -10.21
N CYS A 160 21.54 -39.49 -9.68
CA CYS A 160 21.95 -40.88 -9.60
C CYS A 160 21.84 -41.45 -8.19
N SER A 161 21.13 -40.75 -7.30
CA SER A 161 20.96 -41.19 -5.91
C SER A 161 19.53 -40.91 -5.49
N PRO A 162 18.63 -41.89 -5.61
CA PRO A 162 17.21 -41.61 -5.33
C PRO A 162 16.92 -41.35 -3.87
N GLN A 163 17.50 -42.14 -2.95
CA GLN A 163 17.15 -41.99 -1.53
C GLN A 163 17.41 -40.58 -1.01
N PRO A 164 18.63 -40.01 -1.13
CA PRO A 164 18.82 -38.65 -0.58
C PRO A 164 18.05 -37.58 -1.33
N ARG A 165 17.75 -37.80 -2.61
CA ARG A 165 16.93 -36.84 -3.35
C ARG A 165 15.53 -36.76 -2.76
N LEU A 166 14.91 -37.91 -2.49
CA LEU A 166 13.59 -37.93 -1.88
C LEU A 166 13.63 -37.38 -0.46
N ILE A 167 14.70 -37.66 0.28
CA ILE A 167 14.81 -37.21 1.66
C ILE A 167 14.89 -35.68 1.70
N TYR A 168 15.83 -35.11 0.95
CA TYR A 168 15.99 -33.65 0.94
C TYR A 168 14.75 -32.97 0.36
N LEU A 169 14.13 -33.57 -0.65
CA LEU A 169 12.91 -33.00 -1.21
C LEU A 169 11.79 -33.00 -0.18
N SER A 170 11.68 -34.07 0.61
CA SER A 170 10.62 -34.12 1.62
C SER A 170 10.87 -33.11 2.72
N ILE A 171 12.13 -32.95 3.16
CA ILE A 171 12.44 -32.00 4.21
C ILE A 171 12.16 -30.58 3.74
N VAL A 172 12.57 -30.25 2.52
CA VAL A 172 12.37 -28.89 2.00
C VAL A 172 10.89 -28.61 1.81
N CYS A 173 10.13 -29.60 1.32
CA CYS A 173 8.70 -29.39 1.11
C CYS A 173 7.97 -29.26 2.44
N VAL A 174 8.37 -30.02 3.46
CA VAL A 174 7.75 -29.90 4.77
C VAL A 174 7.99 -28.51 5.34
N LEU A 175 9.24 -28.05 5.30
CA LEU A 175 9.56 -26.73 5.84
C LEU A 175 8.98 -25.61 5.00
N GLY A 176 8.84 -25.83 3.69
CA GLY A 176 8.23 -24.82 2.84
C GLY A 176 6.75 -24.71 3.07
N ILE A 177 6.04 -25.84 3.14
CA ILE A 177 4.61 -25.82 3.46
C ILE A 177 4.39 -25.22 4.83
N SER A 178 5.21 -25.62 5.82
CA SER A 178 5.09 -25.04 7.15
C SER A 178 5.35 -23.55 7.13
N ALA A 179 6.33 -23.10 6.34
CA ALA A 179 6.61 -21.67 6.25
C ALA A 179 5.42 -20.90 5.68
N ILE A 180 4.75 -21.46 4.68
CA ILE A 180 3.58 -20.81 4.11
C ILE A 180 2.46 -20.73 5.14
N ILE A 181 2.33 -21.77 5.97
N ILE A 181 2.25 -21.81 5.89
CA ILE A 181 1.37 -21.73 7.07
CA ILE A 181 1.07 -21.90 6.74
C ILE A 181 1.80 -20.70 8.11
C ILE A 181 1.22 -21.02 7.98
N VAL A 182 3.11 -20.51 8.30
N VAL A 182 2.42 -20.97 8.55
CA VAL A 182 3.59 -19.55 9.30
CA VAL A 182 2.65 -20.15 9.73
C VAL A 182 3.28 -18.12 8.88
C VAL A 182 2.51 -18.66 9.42
N ALA A 183 3.37 -17.82 7.59
N ALA A 183 2.69 -18.26 8.17
CA ALA A 183 3.12 -16.47 7.11
CA ALA A 183 2.59 -16.86 7.77
C ALA A 183 1.65 -16.10 7.18
C ALA A 183 1.24 -16.49 7.17
N GLN A 184 1.06 -16.19 8.38
N GLN A 184 0.28 -17.43 7.12
CA GLN A 184 -0.36 -15.87 8.56
CA GLN A 184 -1.02 -17.17 6.53
C GLN A 184 -0.63 -15.10 9.85
C GLN A 184 -2.15 -17.11 7.56
N TRP A 185 0.39 -14.74 10.61
N TRP A 185 -2.18 -18.02 8.52
CA TRP A 185 0.20 -14.01 11.87
CA TRP A 185 -3.25 -18.04 9.51
C TRP A 185 0.06 -12.50 11.67
C TRP A 185 -3.00 -17.00 10.60
N ASP A 186 0.71 -11.94 10.64
N ASP A 186 -4.08 -16.42 11.10
CA ASP A 186 0.69 -10.51 10.32
CA ASP A 186 -4.01 -15.37 12.11
C ASP A 186 1.48 -9.68 11.32
C ASP A 186 -3.79 -15.97 13.49
N ARG A 187 1.62 -10.15 12.56
N ARG A 187 -3.94 -15.12 14.52
CA ARG A 187 2.59 -9.53 13.46
CA ARG A 187 -3.69 -15.42 15.93
C ARG A 187 3.99 -9.61 12.88
C ARG A 187 -2.23 -15.80 16.20
N PHE A 188 4.23 -10.55 11.96
N PHE A 188 -1.38 -15.89 15.17
CA PHE A 188 5.44 -10.60 11.17
CA PHE A 188 0.05 -16.08 15.34
C PHE A 188 5.56 -9.40 10.23
C PHE A 188 0.81 -14.76 15.24
N ALA A 189 4.46 -8.68 9.97
N ALA A 189 0.11 -13.65 15.07
CA ALA A 189 4.44 -7.56 9.05
CA ALA A 189 0.72 -12.32 15.06
C ALA A 189 4.55 -6.22 9.77
C ALA A 189 1.11 -11.85 16.45
N THR A 190 4.83 -6.21 11.07
N THR A 190 0.96 -12.70 17.47
CA THR A 190 5.06 -4.96 11.77
CA THR A 190 1.37 -12.36 18.82
C THR A 190 6.47 -4.46 11.52
C THR A 190 2.89 -12.19 18.87
N PRO A 191 6.68 -3.13 11.48
N PRO A 191 3.39 -11.41 19.82
CA PRO A 191 7.97 -2.59 11.04
CA PRO A 191 4.85 -11.17 19.89
C PRO A 191 9.13 -2.84 11.99
C PRO A 191 5.66 -12.45 20.12
N LYS A 192 8.92 -3.64 13.04
N LYS A 192 5.11 -13.43 20.82
CA LYS A 192 9.99 -3.93 13.99
CA LYS A 192 5.87 -14.61 21.20
C LYS A 192 10.75 -5.20 13.66
C LYS A 192 5.72 -15.77 20.23
N HIS A 193 10.06 -6.25 13.20
N HIS A 193 4.86 -15.65 19.22
CA HIS A 193 10.70 -7.53 12.93
CA HIS A 193 4.78 -16.65 18.16
C HIS A 193 11.52 -7.54 11.64
C HIS A 193 5.56 -16.27 16.91
N ARG A 194 11.90 -6.37 11.12
N ARG A 194 5.94 -14.99 16.77
CA ARG A 194 12.59 -6.30 9.83
CA ARG A 194 6.78 -14.59 15.65
C ARG A 194 13.77 -7.25 9.77
C ARG A 194 8.18 -15.19 15.75
N GLN A 195 14.64 -7.20 10.79
N GLN A 195 8.56 -15.69 16.93
CA GLN A 195 15.78 -8.13 10.83
CA GLN A 195 9.81 -16.42 17.06
C GLN A 195 15.30 -9.56 11.04
C GLN A 195 9.80 -17.69 16.23
N THR A 196 14.21 -9.75 11.78
N THR A 196 8.74 -18.50 16.37
CA THR A 196 13.62 -11.08 11.91
CA THR A 196 8.61 -19.70 15.55
C THR A 196 13.03 -11.57 10.59
C THR A 196 8.33 -19.35 14.09
N ARG A 197 12.52 -10.66 9.76
N ARG A 197 7.75 -18.18 13.83
CA ARG A 197 12.01 -11.07 8.45
CA ARG A 197 7.65 -17.69 12.46
C ARG A 197 13.11 -11.70 7.61
C ARG A 197 9.02 -17.61 11.82
N ALA A 198 14.26 -11.03 7.53
N ALA A 198 9.98 -17.01 12.53
CA ALA A 198 15.39 -11.60 6.80
CA ALA A 198 11.36 -16.97 12.03
C ALA A 198 15.83 -12.91 7.41
C ALA A 198 12.02 -18.35 12.09
N GLY A 199 15.77 -13.02 8.74
N GLY A 199 11.60 -19.19 13.02
CA GLY A 199 16.29 -14.21 9.40
CA GLY A 199 12.22 -20.50 13.15
C GLY A 199 15.44 -15.44 9.19
C GLY A 199 11.94 -21.42 11.98
N VAL A 200 14.12 -15.27 9.09
N VAL A 200 10.68 -21.46 11.52
CA VAL A 200 13.23 -16.43 8.92
CA VAL A 200 10.33 -22.31 10.40
C VAL A 200 13.49 -17.09 7.57
C VAL A 200 11.00 -21.82 9.13
N PHE A 201 13.47 -16.31 6.49
N PHE A 201 10.99 -20.51 8.90
CA PHE A 201 13.77 -16.87 5.18
CA PHE A 201 11.69 -19.95 7.74
C PHE A 201 15.23 -17.30 5.08
C PHE A 201 13.20 -20.12 7.87
N LEU A 202 16.12 -16.64 5.84
N LEU A 202 13.72 -20.17 9.09
CA LEU A 202 17.51 -17.10 5.93
CA LEU A 202 15.14 -20.43 9.26
C LEU A 202 17.57 -18.49 6.56
C LEU A 202 15.49 -21.86 8.88
N GLY A 203 16.84 -18.69 7.66
N GLY A 203 14.67 -22.82 9.31
CA GLY A 203 16.80 -20.00 8.30
CA GLY A 203 14.85 -24.18 8.85
C GLY A 203 16.25 -21.08 7.38
C GLY A 203 14.72 -24.32 7.35
N LEU A 204 15.29 -20.73 6.52
N LEU A 204 13.84 -23.51 6.75
CA LEU A 204 14.79 -21.69 5.55
CA LEU A 204 13.70 -23.50 5.30
C LEU A 204 15.84 -22.00 4.48
C LEU A 204 14.96 -22.98 4.63
N GLY A 205 16.53 -20.97 3.99
N GLY A 205 15.46 -21.82 5.07
CA GLY A 205 17.52 -21.19 2.96
CA GLY A 205 16.60 -21.21 4.41
C GLY A 205 18.76 -21.93 3.46
C GLY A 205 17.89 -22.01 4.60
N LEU A 206 19.07 -21.79 4.74
N LEU A 206 18.15 -22.44 5.82
CA LEU A 206 20.23 -22.49 5.31
CA LEU A 206 19.36 -23.21 6.12
C LEU A 206 20.03 -23.99 5.37
C LEU A 206 19.27 -24.66 5.71
N SER A 207 18.80 -24.49 5.18
N SER A 207 18.14 -25.12 5.18
CA SER A 207 18.59 -25.93 5.12
CA SER A 207 18.01 -26.49 4.75
C SER A 207 19.27 -26.56 3.91
C SER A 207 18.88 -26.81 3.53
N GLY A 208 19.57 -25.77 2.88
N GLY A 208 19.45 -25.81 2.86
CA GLY A 208 20.30 -26.20 1.71
CA GLY A 208 20.29 -26.07 1.71
C GLY A 208 21.78 -26.40 1.90
C GLY A 208 21.75 -26.28 2.01
N VAL A 209 22.32 -26.05 3.08
N VAL A 209 22.17 -26.09 3.26
CA VAL A 209 23.73 -26.25 3.34
CA VAL A 209 23.56 -26.30 3.63
C VAL A 209 24.05 -27.74 3.49
C VAL A 209 23.89 -27.79 3.67
N VAL A 210 23.10 -28.51 4.02
N VAL A 210 22.96 -28.61 4.18
CA VAL A 210 23.29 -29.95 4.23
CA VAL A 210 23.23 -30.05 4.28
C VAL A 210 23.43 -30.68 2.89
C VAL A 210 23.40 -30.71 2.92
N PRO A 211 22.50 -30.52 1.94
CA PRO A 211 22.71 -31.20 0.65
C PRO A 211 23.85 -30.61 -0.17
N THR A 212 24.19 -29.33 0.07
CA THR A 212 25.31 -28.72 -0.66
C THR A 212 26.62 -29.39 -0.28
N MET A 213 26.89 -29.55 1.02
CA MET A 213 28.10 -30.23 1.44
C MET A 213 28.02 -31.73 1.15
N HIS A 214 26.82 -32.31 1.19
CA HIS A 214 26.65 -33.69 0.76
C HIS A 214 27.10 -33.87 -0.69
N PHE A 215 26.70 -32.95 -1.56
CA PHE A 215 27.12 -33.01 -2.95
C PHE A 215 28.62 -32.76 -3.09
N THR A 216 29.15 -31.81 -2.32
CA THR A 216 30.57 -31.48 -2.40
C THR A 216 31.46 -32.57 -1.79
N ILE A 217 30.89 -33.49 -1.03
CA ILE A 217 31.64 -34.60 -0.45
C ILE A 217 31.45 -35.87 -1.26
N ALA A 218 30.23 -36.12 -1.75
CA ALA A 218 29.99 -37.30 -2.58
C ALA A 218 30.82 -37.27 -3.86
N GLU A 219 31.15 -36.08 -4.35
CA GLU A 219 32.04 -35.92 -5.48
C GLU A 219 33.17 -34.98 -5.07
N GLY A 220 34.16 -34.84 -5.94
CA GLY A 220 35.32 -34.03 -5.61
C GLY A 220 34.95 -32.57 -5.42
N PHE A 221 35.69 -31.91 -4.52
CA PHE A 221 35.47 -30.48 -4.30
C PHE A 221 35.89 -29.67 -5.53
N VAL A 222 36.99 -30.07 -6.17
CA VAL A 222 37.50 -29.30 -7.31
C VAL A 222 36.55 -29.41 -8.50
N LYS A 223 36.07 -30.63 -8.79
CA LYS A 223 35.13 -30.81 -9.89
C LYS A 223 33.80 -30.15 -9.61
N ALA A 224 33.43 -30.00 -8.33
CA ALA A 224 32.18 -29.37 -7.98
C ALA A 224 32.29 -27.84 -7.92
N THR A 225 33.50 -27.30 -7.77
CA THR A 225 33.67 -25.86 -7.61
C THR A 225 33.24 -25.11 -8.86
N THR A 226 33.79 -25.49 -10.02
CA THR A 226 33.51 -24.81 -11.27
C THR A 226 32.69 -25.67 -12.22
N VAL A 227 33.16 -26.88 -12.55
CA VAL A 227 32.41 -27.75 -13.45
C VAL A 227 31.20 -28.36 -12.75
N GLY A 228 31.17 -28.38 -11.42
CA GLY A 228 29.98 -28.73 -10.67
C GLY A 228 29.05 -27.57 -10.41
N GLN A 229 29.39 -26.39 -10.91
CA GLN A 229 28.55 -25.19 -10.82
C GLN A 229 28.19 -24.80 -9.39
N MET A 230 28.94 -25.28 -8.40
CA MET A 230 28.66 -24.89 -7.02
C MET A 230 29.11 -23.46 -6.74
N GLY A 231 30.04 -22.92 -7.54
CA GLY A 231 30.40 -21.52 -7.41
C GLY A 231 29.25 -20.60 -7.78
N TRP A 232 28.41 -21.02 -8.72
CA TRP A 232 27.24 -20.23 -9.07
C TRP A 232 26.17 -20.32 -8.00
N PHE A 233 26.03 -21.48 -7.36
CA PHE A 233 25.12 -21.61 -6.23
C PHE A 233 25.61 -20.77 -5.05
N PHE A 234 26.93 -20.69 -4.88
CA PHE A 234 27.47 -19.80 -3.85
C PHE A 234 27.29 -18.34 -4.23
N LEU A 235 27.32 -18.04 -5.52
CA LEU A 235 27.11 -16.67 -5.97
C LEU A 235 25.70 -16.20 -5.68
N MET A 236 24.71 -17.04 -5.99
CA MET A 236 23.31 -16.66 -5.72
C MET A 236 23.03 -16.61 -4.23
N ALA A 237 23.67 -17.47 -3.44
CA ALA A 237 23.50 -17.43 -1.99
C ALA A 237 24.05 -16.14 -1.41
N VAL A 238 25.24 -15.73 -1.87
CA VAL A 238 25.82 -14.46 -1.41
C VAL A 238 24.93 -13.30 -1.83
N MET A 239 24.37 -13.35 -3.04
CA MET A 239 23.48 -12.28 -3.49
C MET A 239 22.20 -12.23 -2.68
N TYR A 240 21.66 -13.41 -2.31
CA TYR A 240 20.47 -13.44 -1.47
C TYR A 240 20.75 -12.89 -0.08
N ILE A 241 21.89 -13.24 0.51
CA ILE A 241 22.24 -12.74 1.83
C ILE A 241 22.53 -11.24 1.76
N THR A 242 23.19 -10.79 0.69
CA THR A 242 23.43 -9.37 0.51
C THR A 242 22.13 -8.59 0.40
N GLY A 243 21.17 -9.14 -0.35
CA GLY A 243 19.88 -8.47 -0.46
C GLY A 243 19.13 -8.41 0.85
N ALA A 244 19.16 -9.49 1.63
CA ALA A 244 18.52 -9.49 2.93
C ALA A 244 19.19 -8.50 3.87
N GLY A 245 20.52 -8.36 3.78
CA GLY A 245 21.22 -7.40 4.61
C GLY A 245 20.95 -5.96 4.20
N LEU A 246 20.99 -5.69 2.90
CA LEU A 246 20.59 -4.38 2.40
C LEU A 246 19.16 -4.04 2.80
N TYR A 247 18.29 -5.05 2.89
CA TYR A 247 16.91 -4.84 3.30
C TYR A 247 16.84 -4.45 4.78
N ALA A 248 17.38 -5.31 5.66
CA ALA A 248 17.28 -5.05 7.10
C ALA A 248 17.96 -3.75 7.49
N ALA A 249 19.11 -3.45 6.88
CA ALA A 249 19.80 -2.20 7.13
C ALA A 249 19.10 -1.00 6.48
N ARG A 250 18.30 -1.24 5.43
CA ARG A 250 17.62 -0.17 4.68
C ARG A 250 18.62 0.88 4.18
N ILE A 251 19.66 0.41 3.51
CA ILE A 251 20.66 1.27 2.87
C ILE A 251 20.44 1.19 1.37
N PRO A 252 20.77 2.23 0.58
CA PRO A 252 21.51 3.45 0.95
C PRO A 252 20.69 4.51 1.68
N GLU A 253 19.36 4.37 1.72
CA GLU A 253 18.53 5.43 2.29
C GLU A 253 18.75 5.63 3.78
N ARG A 254 19.46 4.71 4.46
CA ARG A 254 19.75 4.90 5.88
C ARG A 254 20.71 6.06 6.10
N PHE A 255 21.69 6.23 5.22
CA PHE A 255 22.72 7.24 5.40
C PHE A 255 22.38 8.56 4.71
N PHE A 256 21.60 8.53 3.64
CA PHE A 256 21.14 9.73 2.94
C PHE A 256 19.62 9.75 2.98
N PRO A 257 19.03 10.10 4.12
CA PRO A 257 17.57 10.07 4.22
C PRO A 257 16.92 11.17 3.40
N GLY A 258 15.85 10.80 2.70
CA GLY A 258 15.16 11.74 1.84
C GLY A 258 15.75 11.92 0.46
N LYS A 259 16.79 11.16 0.12
CA LYS A 259 17.42 11.24 -1.19
C LYS A 259 17.15 10.04 -2.07
N PHE A 260 16.77 8.91 -1.49
CA PHE A 260 16.41 7.70 -2.22
C PHE A 260 14.92 7.39 -2.05
N ASP A 261 14.08 8.43 -2.02
CA ASP A 261 12.65 8.23 -1.80
C ASP A 261 12.02 7.45 -2.95
N ILE A 262 12.18 7.94 -4.17
CA ILE A 262 11.56 7.33 -5.34
C ILE A 262 12.41 6.20 -5.90
N TRP A 263 13.71 6.43 -6.09
CA TRP A 263 14.56 5.49 -6.79
C TRP A 263 15.71 5.03 -5.90
N PHE A 264 16.19 3.81 -6.18
CA PHE A 264 17.38 3.23 -5.55
C PHE A 264 17.24 3.17 -4.03
N GLN A 265 16.06 2.79 -3.55
CA GLN A 265 15.91 2.48 -2.14
C GLN A 265 16.32 1.02 -1.90
N SER A 266 16.41 0.66 -0.61
CA SER A 266 16.89 -0.68 -0.26
C SER A 266 15.95 -1.76 -0.78
N HIS A 267 14.65 -1.49 -0.79
CA HIS A 267 13.71 -2.51 -1.25
C HIS A 267 13.82 -2.74 -2.75
N GLN A 268 14.19 -1.71 -3.52
CA GLN A 268 14.30 -1.87 -4.96
C GLN A 268 15.52 -2.70 -5.34
N ILE A 269 16.66 -2.46 -4.67
CA ILE A 269 17.85 -3.24 -4.98
C ILE A 269 17.70 -4.67 -4.49
N PHE A 270 16.88 -4.89 -3.46
CA PHE A 270 16.58 -6.25 -3.04
C PHE A 270 15.72 -6.97 -4.07
N HIS A 271 14.76 -6.25 -4.65
CA HIS A 271 13.96 -6.83 -5.74
C HIS A 271 14.83 -7.21 -6.93
N VAL A 272 15.75 -6.32 -7.30
CA VAL A 272 16.66 -6.60 -8.41
C VAL A 272 17.55 -7.79 -8.09
N LEU A 273 18.01 -7.87 -6.83
CA LEU A 273 18.85 -8.99 -6.44
C LEU A 273 18.07 -10.30 -6.41
N VAL A 274 16.79 -10.26 -6.06
CA VAL A 274 15.96 -11.47 -6.13
C VAL A 274 15.84 -11.95 -7.58
N VAL A 275 15.64 -11.02 -8.50
CA VAL A 275 15.53 -11.38 -9.92
C VAL A 275 16.86 -11.94 -10.41
N ALA A 276 17.96 -11.26 -10.09
CA ALA A 276 19.28 -11.72 -10.56
C ALA A 276 19.64 -13.06 -9.92
N ALA A 277 19.28 -13.27 -8.66
CA ALA A 277 19.60 -14.53 -7.99
C ALA A 277 18.79 -15.69 -8.57
N ALA A 278 17.54 -15.44 -8.93
CA ALA A 278 16.74 -16.48 -9.58
C ALA A 278 17.25 -16.77 -10.98
N PHE A 279 17.80 -15.75 -11.66
CA PHE A 279 18.34 -15.97 -13.00
C PHE A 279 19.62 -16.78 -12.95
N VAL A 280 20.54 -16.42 -12.04
CA VAL A 280 21.79 -17.17 -11.93
C VAL A 280 21.53 -18.57 -11.39
N HIS A 281 20.46 -18.75 -10.62
CA HIS A 281 20.07 -20.11 -10.24
C HIS A 281 19.66 -20.91 -11.46
N PHE A 282 18.88 -20.31 -12.36
CA PHE A 282 18.47 -21.01 -13.57
C PHE A 282 19.66 -21.32 -14.46
N TYR A 283 20.60 -20.38 -14.58
CA TYR A 283 21.79 -20.62 -15.41
C TYR A 283 22.66 -21.69 -14.80
N GLY A 284 22.86 -21.66 -13.48
CA GLY A 284 23.65 -22.69 -12.83
C GLY A 284 22.99 -24.05 -12.90
N VAL A 285 21.66 -24.09 -12.80
CA VAL A 285 20.95 -25.36 -12.95
C VAL A 285 21.07 -25.87 -14.38
N SER A 286 20.97 -24.96 -15.36
CA SER A 286 21.07 -25.37 -16.76
C SER A 286 22.46 -25.90 -17.11
N ASN A 287 23.52 -25.35 -16.49
CA ASN A 287 24.84 -25.90 -16.69
C ASN A 287 25.01 -27.22 -15.94
N LEU A 288 24.35 -27.34 -14.78
CA LEU A 288 24.28 -28.65 -14.12
C LEU A 288 23.51 -29.65 -14.97
N GLN A 289 22.62 -29.16 -15.84
CA GLN A 289 21.95 -30.05 -16.79
C GLN A 289 22.93 -30.53 -17.85
N GLU A 290 23.50 -29.58 -18.62
CA GLU A 290 24.33 -29.96 -19.76
C GLU A 290 25.52 -30.81 -19.34
N PHE A 291 26.13 -30.47 -18.20
CA PHE A 291 27.25 -31.29 -17.71
C PHE A 291 26.79 -32.70 -17.34
N ARG A 292 25.53 -32.85 -16.97
CA ARG A 292 25.00 -34.17 -16.62
C ARG A 292 24.47 -34.92 -17.83
N TYR A 293 23.97 -34.22 -18.84
CA TYR A 293 23.56 -34.89 -20.07
C TYR A 293 24.76 -35.43 -20.82
N GLY A 294 25.80 -34.61 -20.99
CA GLY A 294 26.94 -35.01 -21.80
C GLY A 294 27.89 -35.95 -21.07
N LEU A 295 28.06 -35.76 -19.77
CA LEU A 295 29.01 -36.53 -18.99
C LEU A 295 28.31 -37.10 -17.76
N GLU A 296 29.03 -38.00 -17.08
CA GLU A 296 28.62 -38.59 -15.82
C GLU A 296 27.39 -39.48 -15.96
N GLY A 297 27.01 -40.16 -14.87
CA GLY A 297 25.89 -41.06 -14.89
C GLY A 297 26.20 -42.42 -14.31
N GLY A 298 27.39 -42.95 -14.64
CA GLY A 298 27.78 -44.27 -14.20
C GLY A 298 28.29 -44.30 -12.77
N CYS A 299 28.68 -45.50 -12.34
CA CYS A 299 29.10 -45.69 -10.95
C CYS A 299 30.42 -46.47 -10.82
N THR A 300 30.39 -47.77 -11.08
CA THR A 300 31.50 -48.65 -10.67
C THR A 300 32.11 -49.43 -11.83
N ASP A 301 31.85 -49.04 -13.07
CA ASP A 301 32.40 -49.75 -14.22
C ASP A 301 33.16 -48.80 -15.12
N ASP A 302 34.32 -49.26 -15.60
CA ASP A 302 35.14 -48.51 -16.54
C ASP A 302 35.23 -49.20 -17.90
N THR A 303 35.67 -50.45 -17.93
CA THR A 303 35.82 -51.22 -19.16
C THR A 303 36.68 -50.49 -20.19
N GLU B 1 0.22 21.47 15.71
CA GLU B 1 -1.03 21.17 15.01
C GLU B 1 -1.29 22.23 13.93
N VAL B 2 -2.05 21.85 12.91
CA VAL B 2 -2.34 22.73 11.80
C VAL B 2 -3.42 23.73 12.20
N LEU B 3 -3.25 24.98 11.78
CA LEU B 3 -4.22 26.03 12.03
C LEU B 3 -4.48 26.80 10.74
N LEU B 4 -5.76 27.09 10.49
CA LEU B 4 -6.20 27.85 9.33
C LEU B 4 -6.99 29.05 9.82
N GLN B 5 -6.41 30.24 9.71
CA GLN B 5 -7.06 31.46 10.16
C GLN B 5 -7.62 32.22 8.96
N GLN B 6 -8.90 32.57 9.03
CA GLN B 6 -9.58 33.28 7.97
C GLN B 6 -9.83 34.74 8.37
N SER B 7 -10.08 35.56 7.35
CA SER B 7 -10.31 36.99 7.57
C SER B 7 -11.65 37.20 8.27
N GLY B 8 -11.83 38.43 8.78
CA GLY B 8 -13.00 38.77 9.54
C GLY B 8 -14.24 38.90 8.65
N PRO B 9 -15.38 39.19 9.29
CA PRO B 9 -16.64 39.28 8.55
C PRO B 9 -16.61 40.40 7.52
N GLU B 10 -17.55 40.32 6.58
CA GLU B 10 -17.64 41.27 5.48
C GLU B 10 -19.08 41.66 5.25
N LEU B 11 -19.33 42.96 5.13
CA LEU B 11 -20.64 43.51 4.78
C LEU B 11 -20.46 44.37 3.54
N VAL B 12 -21.05 43.95 2.42
CA VAL B 12 -20.84 44.59 1.14
C VAL B 12 -22.18 44.88 0.49
N LYS B 13 -22.13 45.61 -0.64
CA LYS B 13 -23.25 46.02 -1.47
C LYS B 13 -23.31 45.16 -2.72
N PRO B 14 -24.51 45.00 -3.30
CA PRO B 14 -24.62 44.21 -4.53
C PRO B 14 -23.74 44.76 -5.64
N GLY B 15 -22.92 43.88 -6.21
CA GLY B 15 -21.97 44.26 -7.23
C GLY B 15 -20.53 44.35 -6.75
N ALA B 16 -20.30 44.32 -5.43
CA ALA B 16 -18.96 44.44 -4.89
C ALA B 16 -18.19 43.13 -5.09
N SER B 17 -16.89 43.20 -4.85
CA SER B 17 -15.99 42.06 -5.03
C SER B 17 -15.10 41.95 -3.79
N VAL B 18 -15.36 40.95 -2.97
CA VAL B 18 -14.66 40.77 -1.71
C VAL B 18 -13.62 39.66 -1.87
N ARG B 19 -12.67 39.62 -0.94
CA ARG B 19 -11.65 38.59 -0.90
C ARG B 19 -11.55 38.01 0.49
N ILE B 20 -11.48 36.68 0.58
CA ILE B 20 -11.31 35.94 1.82
C ILE B 20 -9.88 35.43 1.87
N THR B 21 -9.25 35.52 3.04
CA THR B 21 -7.89 35.06 3.24
C THR B 21 -7.90 33.77 4.07
N CYS B 22 -6.81 33.00 3.94
CA CYS B 22 -6.69 31.75 4.67
C CYS B 22 -5.20 31.54 4.94
N LYS B 23 -4.77 31.90 6.15
CA LYS B 23 -3.39 31.71 6.58
C LYS B 23 -3.23 30.34 7.20
N ALA B 24 -2.29 29.56 6.68
CA ALA B 24 -2.03 28.20 7.14
C ALA B 24 -0.75 28.17 7.96
N SER B 25 -0.79 27.51 9.12
CA SER B 25 0.38 27.36 9.96
C SER B 25 0.45 25.94 10.50
N GLY B 26 1.67 25.46 10.71
CA GLY B 26 1.89 24.16 11.29
C GLY B 26 2.24 23.05 10.31
N TYR B 27 2.37 23.36 9.02
CA TYR B 27 2.72 22.34 8.03
C TYR B 27 3.35 23.03 6.83
N THR B 28 3.97 22.22 5.98
CA THR B 28 4.58 22.73 4.75
C THR B 28 3.49 23.08 3.75
N PHE B 29 3.40 24.35 3.38
CA PHE B 29 2.22 24.88 2.70
C PHE B 29 1.93 24.14 1.39
N THR B 30 2.96 23.83 0.61
CA THR B 30 2.77 23.25 -0.71
C THR B 30 2.47 21.76 -0.68
N ASP B 31 2.44 21.12 0.49
CA ASP B 31 2.30 19.67 0.54
C ASP B 31 0.89 19.19 0.21
N PHE B 32 -0.13 20.04 0.35
CA PHE B 32 -1.50 19.61 0.19
C PHE B 32 -2.30 20.64 -0.59
N ASN B 33 -3.36 20.16 -1.25
CA ASN B 33 -4.31 21.04 -1.90
C ASN B 33 -5.22 21.70 -0.86
N MET B 34 -5.86 22.80 -1.27
CA MET B 34 -6.73 23.58 -0.39
C MET B 34 -8.04 23.85 -1.11
N ASP B 35 -9.15 23.43 -0.50
CA ASP B 35 -10.46 23.60 -1.09
C ASP B 35 -11.22 24.73 -0.40
N TRP B 36 -12.26 25.20 -1.08
CA TRP B 36 -13.12 26.26 -0.56
C TRP B 36 -14.56 25.78 -0.55
N VAL B 37 -15.26 26.11 0.54
CA VAL B 37 -16.62 25.62 0.77
C VAL B 37 -17.52 26.81 1.07
N LYS B 38 -18.73 26.79 0.50
CA LYS B 38 -19.74 27.79 0.76
C LYS B 38 -20.90 27.15 1.52
N GLN B 39 -21.42 27.88 2.51
CA GLN B 39 -22.60 27.42 3.25
C GLN B 39 -23.53 28.62 3.41
N SER B 40 -24.61 28.63 2.63
CA SER B 40 -25.62 29.66 2.78
C SER B 40 -26.39 29.41 4.08
N PRO B 41 -26.96 30.46 4.68
CA PRO B 41 -27.58 30.30 6.00
C PRO B 41 -28.69 29.26 5.99
N GLY B 42 -28.66 28.38 6.99
CA GLY B 42 -29.66 27.35 7.14
C GLY B 42 -29.64 26.29 6.07
N LYS B 43 -28.53 26.13 5.35
CA LYS B 43 -28.43 25.19 4.25
C LYS B 43 -27.22 24.29 4.45
N SER B 44 -26.99 23.41 3.49
CA SER B 44 -25.90 22.45 3.54
C SER B 44 -24.64 23.05 2.92
N LEU B 45 -23.62 22.22 2.75
CA LEU B 45 -22.33 22.66 2.24
C LEU B 45 -22.27 22.55 0.72
N GLU B 46 -21.38 23.34 0.13
CA GLU B 46 -21.18 23.37 -1.31
C GLU B 46 -19.70 23.48 -1.61
N TRP B 47 -19.19 22.58 -2.46
CA TRP B 47 -17.78 22.61 -2.83
C TRP B 47 -17.58 23.63 -3.93
N ILE B 48 -16.85 24.70 -3.63
CA ILE B 48 -16.55 25.72 -4.62
C ILE B 48 -15.48 25.24 -5.59
N GLY B 49 -14.37 24.75 -5.04
CA GLY B 49 -13.28 24.27 -5.87
C GLY B 49 -12.03 24.09 -5.04
N ASP B 50 -11.07 23.39 -5.64
CA ASP B 50 -9.80 23.11 -5.00
C ASP B 50 -8.67 23.84 -5.73
N PHE B 51 -7.57 24.02 -5.00
CA PHE B 51 -6.41 24.75 -5.48
C PHE B 51 -5.16 23.98 -5.09
N ASN B 52 -4.31 23.72 -6.08
CA ASN B 52 -3.03 23.06 -5.91
C ASN B 52 -1.95 24.12 -5.81
N PRO B 53 -1.44 24.38 -4.60
CA PRO B 53 -0.39 25.39 -4.43
C PRO B 53 0.98 24.94 -4.90
N ASN B 54 1.17 23.65 -5.19
CA ASN B 54 2.42 23.19 -5.78
C ASN B 54 2.53 23.67 -7.22
N SER B 55 1.52 23.37 -8.04
CA SER B 55 1.43 23.83 -9.41
C SER B 55 0.66 25.12 -9.54
N GLY B 56 0.03 25.60 -8.47
CA GLY B 56 -0.69 26.86 -8.50
C GLY B 56 -1.98 26.70 -9.28
N GLY B 57 -2.34 25.46 -9.54
CA GLY B 57 -3.51 25.15 -10.35
C GLY B 57 -4.79 25.20 -9.54
N SER B 58 -5.91 25.03 -10.23
CA SER B 58 -7.19 25.05 -9.56
C SER B 58 -8.25 24.38 -10.42
N ILE B 59 -9.25 23.80 -9.75
CA ILE B 59 -10.43 23.22 -10.38
C ILE B 59 -11.65 23.79 -9.68
N TYR B 60 -12.61 24.28 -10.47
CA TYR B 60 -13.80 24.96 -9.96
C TYR B 60 -15.06 24.15 -10.25
N ASN B 61 -16.02 24.25 -9.33
CA ASN B 61 -17.37 23.74 -9.60
C ASN B 61 -18.03 24.58 -10.69
N GLN B 62 -18.94 23.94 -11.43
CA GLN B 62 -19.65 24.67 -12.48
C GLN B 62 -20.56 25.75 -11.90
N LYS B 63 -21.11 25.52 -10.71
CA LYS B 63 -22.00 26.49 -10.08
C LYS B 63 -21.29 27.73 -9.57
N PHE B 64 -19.95 27.74 -9.59
CA PHE B 64 -19.17 28.90 -9.13
C PHE B 64 -18.06 29.20 -10.12
N LYS B 65 -18.35 29.07 -11.42
CA LYS B 65 -17.31 29.19 -12.43
C LYS B 65 -16.76 30.61 -12.53
N ASP B 66 -17.65 31.59 -12.68
CA ASP B 66 -17.24 32.98 -12.86
C ASP B 66 -17.21 33.79 -11.58
N LYS B 67 -17.67 33.23 -10.46
CA LYS B 67 -17.74 33.98 -9.21
C LYS B 67 -16.52 33.80 -8.32
N ALA B 68 -15.89 32.62 -8.32
CA ALA B 68 -14.77 32.34 -7.45
C ALA B 68 -13.46 32.38 -8.23
N THR B 69 -12.43 32.94 -7.60
CA THR B 69 -11.08 32.96 -8.18
C THR B 69 -10.07 32.74 -7.07
N PHE B 70 -9.32 31.65 -7.16
CA PHE B 70 -8.35 31.30 -6.11
C PHE B 70 -6.97 31.85 -6.47
N THR B 71 -6.30 32.42 -5.47
CA THR B 71 -4.93 32.90 -5.61
C THR B 71 -4.11 32.39 -4.43
N VAL B 72 -2.79 32.55 -4.52
CA VAL B 72 -1.88 31.98 -3.55
C VAL B 72 -0.79 33.00 -3.19
N ASP B 73 -0.24 32.87 -1.99
CA ASP B 73 0.94 33.59 -1.55
C ASP B 73 1.81 32.55 -0.85
N LYS B 74 2.67 31.89 -1.62
CA LYS B 74 3.50 30.83 -1.06
C LYS B 74 4.53 31.36 -0.08
N SER B 75 4.90 32.64 -0.19
CA SER B 75 5.84 33.23 0.75
C SER B 75 5.25 33.29 2.16
N SER B 76 4.12 33.97 2.30
CA SER B 76 3.42 34.04 3.59
C SER B 76 2.58 32.81 3.87
N SER B 77 2.59 31.82 2.97
CA SER B 77 1.83 30.58 3.15
C SER B 77 0.35 30.86 3.38
N THR B 78 -0.25 31.65 2.49
CA THR B 78 -1.62 32.09 2.66
C THR B 78 -2.36 32.00 1.33
N ALA B 79 -3.49 31.30 1.33
CA ALA B 79 -4.31 31.14 0.14
C ALA B 79 -5.52 32.07 0.20
N TYR B 80 -5.84 32.68 -0.93
CA TYR B 80 -6.93 33.64 -1.01
C TYR B 80 -8.01 33.14 -1.97
N MET B 81 -9.25 33.52 -1.69
CA MET B 81 -10.35 33.37 -2.62
C MET B 81 -10.96 34.74 -2.89
N GLU B 82 -11.43 34.95 -4.12
CA GLU B 82 -12.05 36.20 -4.52
C GLU B 82 -13.44 35.91 -5.06
N LEU B 83 -14.42 36.66 -4.57
CA LEU B 83 -15.80 36.59 -5.03
C LEU B 83 -16.20 37.94 -5.59
N ARG B 84 -16.48 37.99 -6.89
CA ARG B 84 -16.84 39.22 -7.56
C ARG B 84 -18.27 39.16 -8.06
N SER B 85 -18.83 40.34 -8.36
CA SER B 85 -20.21 40.48 -8.79
C SER B 85 -21.16 39.83 -7.77
N LEU B 86 -20.98 40.20 -6.51
CA LEU B 86 -21.72 39.58 -5.42
C LEU B 86 -23.20 39.93 -5.50
N THR B 87 -24.05 38.92 -5.38
CA THR B 87 -25.50 39.08 -5.34
C THR B 87 -26.01 38.61 -3.98
N PHE B 88 -27.34 38.67 -3.80
CA PHE B 88 -27.93 38.33 -2.52
C PHE B 88 -27.81 36.83 -2.22
N GLU B 89 -27.73 36.00 -3.25
CA GLU B 89 -27.57 34.56 -3.05
C GLU B 89 -26.15 34.18 -2.63
N ASP B 90 -25.22 35.13 -2.60
CA ASP B 90 -23.85 34.88 -2.19
C ASP B 90 -23.62 35.12 -0.70
N THR B 91 -24.61 35.67 0.00
CA THR B 91 -24.52 35.85 1.45
C THR B 91 -24.38 34.50 2.12
N ALA B 92 -23.20 34.19 2.66
CA ALA B 92 -22.95 32.85 3.16
C ALA B 92 -21.67 32.85 3.99
N VAL B 93 -21.45 31.75 4.69
CA VAL B 93 -20.19 31.51 5.39
C VAL B 93 -19.27 30.72 4.46
N TYR B 94 -18.06 31.24 4.26
CA TYR B 94 -17.09 30.62 3.36
C TYR B 94 -15.92 30.09 4.17
N TYR B 95 -15.60 28.83 3.95
CA TYR B 95 -14.51 28.14 4.64
C TYR B 95 -13.40 27.79 3.66
N CYS B 96 -12.18 27.73 4.18
CA CYS B 96 -11.06 27.06 3.52
C CYS B 96 -10.77 25.77 4.29
N ALA B 97 -10.60 24.67 3.56
CA ALA B 97 -10.41 23.37 4.16
C ALA B 97 -9.22 22.68 3.50
N ARG B 98 -8.32 22.14 4.31
CA ARG B 98 -7.12 21.51 3.78
C ARG B 98 -7.35 20.01 3.63
N GLU B 99 -6.93 19.46 2.49
CA GLU B 99 -6.97 18.04 2.25
C GLU B 99 -5.67 17.40 2.75
N THR B 100 -5.60 16.07 2.68
CA THR B 100 -4.36 15.35 2.95
C THR B 100 -3.90 14.79 1.61
N GLY B 101 -4.11 13.50 1.34
CA GLY B 101 -3.81 12.96 0.03
C GLY B 101 -5.02 12.99 -0.88
N THR B 102 -6.15 12.48 -0.39
CA THR B 102 -7.42 12.60 -1.07
C THR B 102 -8.17 13.81 -0.53
N ALA B 103 -9.39 14.02 -1.03
CA ALA B 103 -10.11 15.27 -0.82
C ALA B 103 -11.01 15.26 0.41
N TRP B 104 -10.59 14.61 1.50
CA TRP B 104 -11.27 14.74 2.77
C TRP B 104 -10.56 15.80 3.62
N PHE B 105 -11.35 16.59 4.34
CA PHE B 105 -10.87 17.80 4.99
C PHE B 105 -10.75 17.55 6.50
N ALA B 106 -9.51 17.43 6.98
CA ALA B 106 -9.26 17.27 8.40
C ALA B 106 -9.15 18.61 9.13
N TYR B 107 -8.73 19.66 8.43
CA TYR B 107 -8.51 20.96 9.03
C TYR B 107 -9.31 22.01 8.29
N TRP B 108 -10.03 22.84 9.04
CA TRP B 108 -10.93 23.85 8.48
C TRP B 108 -10.59 25.21 9.07
N GLY B 109 -10.92 26.26 8.31
CA GLY B 109 -10.87 27.60 8.85
C GLY B 109 -12.08 27.86 9.73
N GLN B 110 -12.03 28.99 10.45
CA GLN B 110 -13.14 29.34 11.31
C GLN B 110 -14.35 29.84 10.53
N GLY B 111 -14.19 30.16 9.26
CA GLY B 111 -15.28 30.64 8.45
C GLY B 111 -15.30 32.15 8.35
N THR B 112 -15.76 32.65 7.21
CA THR B 112 -15.89 34.09 6.97
C THR B 112 -17.30 34.37 6.48
N LEU B 113 -18.03 35.20 7.21
CA LEU B 113 -19.41 35.53 6.86
C LEU B 113 -19.40 36.71 5.88
N VAL B 114 -19.91 36.48 4.68
CA VAL B 114 -20.06 37.51 3.66
C VAL B 114 -21.55 37.82 3.56
N THR B 115 -21.92 39.03 3.97
CA THR B 115 -23.30 39.49 3.90
C THR B 115 -23.41 40.60 2.86
N VAL B 116 -24.49 40.56 2.09
CA VAL B 116 -24.71 41.47 0.97
C VAL B 116 -26.06 42.14 1.15
N SER B 117 -26.07 43.48 1.21
CA SER B 117 -27.29 44.25 1.34
C SER B 117 -27.03 45.73 1.07
N ALA B 118 -27.80 46.32 0.17
CA ALA B 118 -27.64 47.74 -0.14
C ALA B 118 -28.16 48.60 1.01
N ALA B 119 -27.48 49.72 1.25
CA ALA B 119 -27.87 50.63 2.31
C ALA B 119 -27.42 52.06 1.99
N ASP C 1 -21.59 14.96 -11.77
CA ASP C 1 -22.11 15.47 -10.50
C ASP C 1 -22.89 14.39 -9.74
N ILE C 2 -22.19 13.68 -8.86
CA ILE C 2 -22.81 12.65 -8.05
C ILE C 2 -23.63 13.32 -6.94
N GLN C 3 -24.88 12.90 -6.79
CA GLN C 3 -25.79 13.46 -5.81
C GLN C 3 -25.77 12.60 -4.55
N MET C 4 -25.49 13.22 -3.42
CA MET C 4 -25.48 12.54 -2.12
C MET C 4 -26.79 12.83 -1.41
N THR C 5 -27.57 11.78 -1.15
CA THR C 5 -28.85 11.89 -0.44
C THR C 5 -28.64 11.37 0.97
N GLN C 6 -28.75 12.25 1.95
CA GLN C 6 -28.56 11.92 3.35
C GLN C 6 -29.90 11.60 4.00
N SER C 7 -29.85 10.81 5.08
CA SER C 7 -31.07 10.41 5.75
C SER C 7 -30.78 10.11 7.21
N PRO C 8 -31.65 10.50 8.15
CA PRO C 8 -32.88 11.25 7.85
C PRO C 8 -32.65 12.77 7.86
N ALA C 9 -33.74 13.54 7.73
CA ALA C 9 -33.61 14.99 7.83
C ALA C 9 -33.20 15.41 9.24
N SER C 10 -33.79 14.78 10.26
CA SER C 10 -33.41 15.03 11.64
C SER C 10 -33.86 13.85 12.49
N LEU C 11 -33.18 13.65 13.61
CA LEU C 11 -33.53 12.58 14.53
C LEU C 11 -33.07 12.96 15.94
N SER C 12 -33.66 12.29 16.93
CA SER C 12 -33.35 12.55 18.33
C SER C 12 -33.18 11.23 19.06
N ALA C 13 -32.44 11.29 20.16
CA ALA C 13 -32.22 10.12 21.01
C ALA C 13 -31.70 10.60 22.36
N SER C 14 -31.62 9.67 23.30
CA SER C 14 -31.17 9.96 24.65
C SER C 14 -29.71 9.57 24.81
N VAL C 15 -29.11 10.06 25.90
CA VAL C 15 -27.71 9.76 26.19
C VAL C 15 -27.55 8.26 26.44
N GLY C 16 -26.57 7.67 25.77
CA GLY C 16 -26.30 6.25 25.85
C GLY C 16 -26.90 5.44 24.72
N GLU C 17 -27.92 5.96 24.05
CA GLU C 17 -28.54 5.23 22.96
C GLU C 17 -27.66 5.27 21.71
N THR C 18 -28.05 4.49 20.71
CA THR C 18 -27.32 4.36 19.46
C THR C 18 -28.15 4.95 18.32
N VAL C 19 -27.49 5.67 17.41
CA VAL C 19 -28.15 6.22 16.23
C VAL C 19 -27.36 5.87 14.99
N THR C 20 -28.04 5.94 13.85
CA THR C 20 -27.42 5.64 12.57
C THR C 20 -27.92 6.61 11.52
N ILE C 21 -27.00 7.16 10.73
CA ILE C 21 -27.30 8.12 9.67
C ILE C 21 -26.84 7.52 8.36
N THR C 22 -27.76 7.38 7.41
CA THR C 22 -27.47 6.73 6.14
C THR C 22 -27.22 7.75 5.04
N CYS C 23 -26.51 7.30 4.02
CA CYS C 23 -26.16 8.14 2.87
C CYS C 23 -26.16 7.28 1.62
N ARG C 24 -26.85 7.76 0.59
CA ARG C 24 -26.95 7.06 -0.68
C ARG C 24 -26.41 7.96 -1.79
N ALA C 25 -25.47 7.43 -2.57
CA ALA C 25 -24.86 8.17 -3.67
C ALA C 25 -25.50 7.74 -4.98
N SER C 26 -25.75 8.73 -5.86
CA SER C 26 -26.34 8.44 -7.16
C SER C 26 -25.43 7.60 -8.04
N GLY C 27 -24.13 7.55 -7.73
CA GLY C 27 -23.20 6.70 -8.43
C GLY C 27 -22.25 6.04 -7.45
N ASN C 28 -21.31 5.26 -7.98
CA ASN C 28 -20.32 4.59 -7.16
C ASN C 28 -19.19 5.56 -6.86
N ILE C 29 -18.95 5.81 -5.57
CA ILE C 29 -17.87 6.69 -5.14
C ILE C 29 -16.67 5.91 -4.61
N HIS C 30 -16.72 4.58 -4.63
CA HIS C 30 -15.55 3.72 -4.38
C HIS C 30 -14.92 4.00 -3.02
N ASN C 31 -15.75 4.12 -1.99
CA ASN C 31 -15.34 4.31 -0.59
C ASN C 31 -14.63 5.65 -0.36
N PHE C 32 -14.69 6.57 -1.32
CA PHE C 32 -14.13 7.91 -1.14
C PHE C 32 -15.15 8.83 -0.46
N LEU C 33 -15.50 8.47 0.77
CA LEU C 33 -16.54 9.16 1.53
C LEU C 33 -15.99 9.64 2.86
N ALA C 34 -16.53 10.76 3.33
CA ALA C 34 -16.17 11.33 4.63
C ALA C 34 -17.42 11.77 5.38
N TRP C 35 -17.35 11.65 6.71
CA TRP C 35 -18.40 12.06 7.63
C TRP C 35 -17.86 13.16 8.54
N TYR C 36 -18.62 14.26 8.64
CA TYR C 36 -18.25 15.44 9.42
C TYR C 36 -19.36 15.77 10.41
N GLN C 37 -18.97 16.38 11.53
CA GLN C 37 -19.88 16.95 12.51
C GLN C 37 -19.72 18.46 12.53
N GLN C 38 -20.83 19.18 12.70
CA GLN C 38 -20.80 20.64 12.76
C GLN C 38 -21.78 21.08 13.84
N LYS C 39 -21.25 21.72 14.89
CA LYS C 39 -22.08 22.31 15.91
C LYS C 39 -22.45 23.74 15.52
N GLN C 40 -23.54 24.23 16.10
CA GLN C 40 -24.12 25.50 15.67
C GLN C 40 -23.11 26.63 15.79
N GLY C 41 -22.93 27.37 14.70
CA GLY C 41 -21.98 28.46 14.64
C GLY C 41 -20.54 28.05 14.41
N LYS C 42 -20.18 26.82 14.73
CA LYS C 42 -18.82 26.34 14.58
C LYS C 42 -18.58 25.82 13.16
N SER C 43 -17.30 25.63 12.83
CA SER C 43 -16.92 25.01 11.58
C SER C 43 -17.02 23.48 11.70
N PRO C 44 -17.27 22.79 10.59
CA PRO C 44 -17.41 21.33 10.66
C PRO C 44 -16.09 20.65 11.01
N GLN C 45 -16.19 19.55 11.74
CA GLN C 45 -15.05 18.74 12.14
C GLN C 45 -15.20 17.34 11.55
N VAL C 46 -14.10 16.81 11.02
CA VAL C 46 -14.16 15.49 10.38
C VAL C 46 -14.30 14.41 11.45
N LEU C 47 -15.18 13.45 11.20
CA LEU C 47 -15.34 12.27 12.05
C LEU C 47 -14.73 11.04 11.42
N VAL C 48 -15.07 10.76 10.16
CA VAL C 48 -14.61 9.55 9.48
C VAL C 48 -14.20 9.93 8.06
N TYR C 49 -13.20 9.23 7.53
CA TYR C 49 -12.85 9.36 6.13
C TYR C 49 -12.58 7.97 5.56
N ASN C 50 -12.55 7.89 4.23
CA ASN C 50 -12.39 6.62 3.52
C ASN C 50 -13.43 5.60 3.98
N ALA C 51 -14.67 6.08 4.17
CA ALA C 51 -15.84 5.26 4.47
C ALA C 51 -15.83 4.68 5.88
N LYS C 52 -14.70 4.17 6.35
CA LYS C 52 -14.69 3.46 7.63
C LYS C 52 -13.45 3.73 8.49
N THR C 53 -12.64 4.74 8.17
CA THR C 53 -11.44 5.04 8.95
C THR C 53 -11.77 6.12 9.97
N LEU C 54 -11.57 5.79 11.25
CA LEU C 54 -11.79 6.76 12.31
C LEU C 54 -10.66 7.78 12.33
N ALA C 55 -11.01 9.06 12.25
CA ALA C 55 -10.00 10.11 12.22
C ALA C 55 -9.30 10.22 13.58
N ASP C 56 -8.09 10.80 13.55
CA ASP C 56 -7.30 10.93 14.75
C ASP C 56 -7.97 11.85 15.76
N GLY C 57 -8.12 11.36 17.00
CA GLY C 57 -8.74 12.12 18.07
C GLY C 57 -10.24 11.93 18.22
N VAL C 58 -10.90 11.36 17.22
CA VAL C 58 -12.36 11.21 17.27
C VAL C 58 -12.73 10.12 18.27
N PRO C 59 -13.77 10.31 19.09
CA PRO C 59 -14.17 9.26 20.03
C PRO C 59 -14.52 7.97 19.31
N SER C 60 -14.33 6.84 20.01
CA SER C 60 -14.53 5.53 19.40
C SER C 60 -16.00 5.24 19.12
N ARG C 61 -16.92 6.02 19.69
CA ARG C 61 -18.34 5.75 19.50
C ARG C 61 -18.81 6.04 18.07
N PHE C 62 -17.99 6.70 17.26
CA PHE C 62 -18.31 6.94 15.86
C PHE C 62 -17.71 5.82 15.00
N SER C 63 -18.48 5.36 14.01
CA SER C 63 -17.96 4.35 13.10
C SER C 63 -18.66 4.43 11.76
N GLY C 64 -17.89 4.42 10.68
CA GLY C 64 -18.44 4.41 9.34
C GLY C 64 -18.41 3.02 8.74
N SER C 65 -19.37 2.74 7.86
CA SER C 65 -19.45 1.46 7.19
C SER C 65 -20.16 1.63 5.86
N GLY C 66 -20.07 0.61 5.02
CA GLY C 66 -20.73 0.60 3.73
C GLY C 66 -19.73 0.67 2.59
N SER C 67 -20.29 0.65 1.39
CA SER C 67 -19.50 0.68 0.16
C SER C 67 -20.44 0.91 -1.02
N GLY C 68 -19.88 0.87 -2.22
CA GLY C 68 -20.64 1.08 -3.44
C GLY C 68 -21.35 2.41 -3.46
N THR C 69 -22.65 2.38 -3.18
CA THR C 69 -23.47 3.59 -3.13
C THR C 69 -24.16 3.79 -1.79
N GLN C 70 -23.99 2.88 -0.84
CA GLN C 70 -24.69 2.93 0.44
C GLN C 70 -23.67 3.00 1.58
N TYR C 71 -23.83 3.99 2.44
CA TYR C 71 -22.92 4.18 3.57
C TYR C 71 -23.71 4.55 4.81
N SER C 72 -23.12 4.29 5.97
CA SER C 72 -23.80 4.51 7.25
C SER C 72 -22.80 4.95 8.31
N LEU C 73 -23.17 5.97 9.07
CA LEU C 73 -22.43 6.43 10.23
C LEU C 73 -23.20 6.04 11.48
N LYS C 74 -22.58 5.24 12.34
CA LYS C 74 -23.20 4.75 13.56
C LYS C 74 -22.54 5.42 14.76
N ILE C 75 -23.37 5.80 15.74
CA ILE C 75 -22.93 6.44 16.96
C ILE C 75 -23.46 5.60 18.13
N ASN C 76 -22.53 4.97 18.86
CA ASN C 76 -22.84 4.30 20.11
C ASN C 76 -22.80 5.29 21.27
N SER C 77 -23.49 4.92 22.35
CA SER C 77 -23.51 5.68 23.60
C SER C 77 -23.52 7.20 23.35
N LEU C 78 -24.66 7.74 22.93
CA LEU C 78 -24.74 9.15 22.60
C LEU C 78 -24.36 10.01 23.80
N GLN C 79 -23.58 11.06 23.54
CA GLN C 79 -23.11 11.99 24.55
C GLN C 79 -23.73 13.37 24.32
N PRO C 80 -23.91 14.16 25.38
CA PRO C 80 -24.58 15.47 25.20
C PRO C 80 -23.94 16.37 24.16
N GLU C 81 -22.62 16.30 23.97
CA GLU C 81 -21.94 17.15 23.01
C GLU C 81 -22.04 16.64 21.58
N ASP C 82 -22.80 15.58 21.33
CA ASP C 82 -22.96 15.03 19.99
C ASP C 82 -24.08 15.69 19.20
N PHE C 83 -24.75 16.70 19.77
CA PHE C 83 -25.81 17.39 19.05
C PHE C 83 -25.22 18.23 17.93
N GLY C 84 -26.04 18.46 16.89
CA GLY C 84 -25.61 19.30 15.79
C GLY C 84 -25.93 18.67 14.46
N SER C 85 -25.38 19.24 13.39
CA SER C 85 -25.65 18.76 12.04
C SER C 85 -24.50 17.91 11.53
N TYR C 86 -24.82 16.72 11.05
CA TYR C 86 -23.83 15.80 10.50
C TYR C 86 -23.95 15.78 8.98
N TYR C 87 -22.79 15.75 8.31
CA TYR C 87 -22.74 15.81 6.87
C TYR C 87 -21.89 14.67 6.32
N CYS C 88 -22.23 14.24 5.12
CA CYS C 88 -21.42 13.30 4.36
C CYS C 88 -20.94 13.99 3.10
N GLN C 89 -19.80 13.53 2.59
CA GLN C 89 -19.30 14.06 1.33
C GLN C 89 -18.58 12.96 0.57
N GLN C 90 -18.73 12.98 -0.75
CA GLN C 90 -17.97 12.13 -1.65
C GLN C 90 -16.82 12.94 -2.24
N PHE C 91 -15.63 12.33 -2.26
CA PHE C 91 -14.48 12.96 -2.88
C PHE C 91 -13.87 12.06 -3.95
N TRP C 92 -14.72 11.29 -4.62
CA TRP C 92 -14.29 10.43 -5.73
C TRP C 92 -14.32 11.19 -7.05
N SER C 93 -15.48 11.74 -7.41
CA SER C 93 -15.67 12.43 -8.68
C SER C 93 -15.80 13.93 -8.44
N THR C 94 -15.23 14.70 -9.36
CA THR C 94 -15.42 16.15 -9.30
C THR C 94 -16.62 16.57 -10.12
N PRO C 95 -17.44 17.53 -9.65
CA PRO C 95 -17.23 18.26 -8.39
C PRO C 95 -17.61 17.45 -7.16
N TYR C 96 -16.83 17.60 -6.09
CA TYR C 96 -17.15 16.96 -4.83
C TYR C 96 -18.45 17.52 -4.29
N THR C 97 -19.27 16.65 -3.70
CA THR C 97 -20.60 17.03 -3.26
C THR C 97 -20.82 16.57 -1.83
N PHE C 98 -21.76 17.24 -1.16
CA PHE C 98 -22.14 16.93 0.21
C PHE C 98 -23.59 16.47 0.24
N GLY C 99 -23.95 15.79 1.33
CA GLY C 99 -25.34 15.45 1.58
C GLY C 99 -26.11 16.63 2.12
N GLY C 100 -27.44 16.45 2.20
CA GLY C 100 -28.29 17.50 2.71
C GLY C 100 -28.07 17.83 4.18
N GLY C 101 -27.46 16.92 4.93
CA GLY C 101 -27.24 17.13 6.34
C GLY C 101 -28.31 16.46 7.19
N THR C 102 -27.94 16.15 8.43
CA THR C 102 -28.84 15.50 9.36
C THR C 102 -28.71 16.19 10.72
N LYS C 103 -29.81 16.77 11.20
CA LYS C 103 -29.81 17.43 12.50
C LYS C 103 -30.05 16.41 13.60
N LEU C 104 -29.21 16.44 14.63
CA LEU C 104 -29.26 15.49 15.73
C LEU C 104 -29.45 16.25 17.03
N GLU C 105 -30.56 15.95 17.71
CA GLU C 105 -30.87 16.49 19.03
C GLU C 105 -30.77 15.37 20.07
N ILE C 106 -30.55 15.77 21.31
CA ILE C 106 -30.32 14.83 22.41
C ILE C 106 -31.24 15.19 23.55
N ASN C 107 -31.94 14.18 24.09
CA ASN C 107 -32.87 14.39 25.19
C ASN C 107 -32.45 13.57 26.42
#